data_4FBT
#
_entry.id   4FBT
#
_cell.length_a   56.226
_cell.length_b   56.226
_cell.length_c   290.602
_cell.angle_alpha   90.00
_cell.angle_beta   90.00
_cell.angle_gamma   120.00
#
_symmetry.space_group_name_H-M   'P 61'
#
loop_
_entity.id
_entity.type
_entity.pdbx_description
1 polymer 'DNA polymerase IV'
2 polymer 'DNA primer'
3 polymer 'DNA template'
4 non-polymer "2'-DEOXYGUANOSINE-5'-TRIPHOSPHATE"
5 non-polymer 'CALCIUM ION'
6 non-polymer "GUANOSINE-5'-TRIPHOSPHATE"
7 water water
#
loop_
_entity_poly.entity_id
_entity_poly.type
_entity_poly.pdbx_seq_one_letter_code
_entity_poly.pdbx_strand_id
1 'polypeptide(L)'
;MIVLFVDFDYFYAQVEEVLNPSLKGKPVVVCVFSGRFEDSGAVATANYEARKFGVKAGIPIVEAKKILPNAVYLPMRKEV
YQQVSSRIMNLLREYSEKIEIASIDEAYLDISDKVRDYREAYNLGLEIKNKILEKEKITVTVGISKNKVFAKIAADMAKP
NGIKVIDDEEVKRLIRELDIADVPGIGNITAEKLKKLGINKLVDTLSIEFDKLKGMIGEAKAKYLISLARDEYNEPIRTR
VRKSIGRIVTMKRNSRNLEEIKPYLFRAIEESYYKLDKRIPKAIHVVAVTEDLDIVSRGRTFPHGISKETAYSESVKLLQ
KILEEDERKIRRIGVRFSKFI
;
A
2 'polydeoxyribonucleotide' (DC)(DC)(DA)(DA)(DT)(DA)(DC)(DC)(DA)(DG)(DT)(DC)(DC) P
3 'polydeoxyribonucleotide' (DG)(DC)(DG8)(DG)(DA)(DC)(DT)(DG)(DG)(DT)(DA)(DT)(DT)(DG)(DG)(DG) T
#
# COMPACT_ATOMS: atom_id res chain seq x y z
N MET A 1 -14.91 -10.28 17.84
CA MET A 1 -14.76 -9.06 17.04
C MET A 1 -15.42 -9.21 15.67
N ILE A 2 -16.02 -8.14 15.18
CA ILE A 2 -16.59 -8.10 13.83
C ILE A 2 -15.92 -6.96 13.08
N VAL A 3 -15.24 -7.31 12.00
CA VAL A 3 -14.47 -6.35 11.24
C VAL A 3 -15.06 -6.18 9.86
N LEU A 4 -15.24 -4.93 9.45
CA LEU A 4 -15.74 -4.62 8.12
C LEU A 4 -14.65 -3.86 7.36
N PHE A 5 -14.26 -4.39 6.20
CA PHE A 5 -13.18 -3.81 5.40
C PHE A 5 -13.75 -3.28 4.10
N VAL A 6 -13.30 -2.09 3.69
CA VAL A 6 -13.78 -1.46 2.48
C VAL A 6 -12.61 -1.20 1.55
N ASP A 7 -12.74 -1.63 0.30
CA ASP A 7 -11.66 -1.48 -0.67
C ASP A 7 -12.29 -0.89 -1.93
N PHE A 8 -11.85 0.29 -2.35
CA PHE A 8 -12.52 1.00 -3.47
C PHE A 8 -12.15 0.33 -4.79
N ASP A 9 -13.10 0.20 -5.72
CA ASP A 9 -12.84 -0.60 -6.92
C ASP A 9 -12.10 0.14 -8.04
N TYR A 10 -11.06 -0.50 -8.58
CA TYR A 10 -10.17 0.09 -9.57
C TYR A 10 -10.06 1.60 -9.40
N PHE A 11 -9.56 2.01 -8.23
CA PHE A 11 -9.87 3.33 -7.70
C PHE A 11 -9.49 4.51 -8.61
N TYR A 12 -8.22 4.64 -8.97
CA TYR A 12 -7.77 5.77 -9.78
C TYR A 12 -8.55 5.93 -11.08
N ALA A 13 -8.73 4.82 -11.80
CA ALA A 13 -9.42 4.85 -13.07
C ALA A 13 -10.91 5.14 -12.85
N GLN A 14 -11.45 4.65 -11.74
CA GLN A 14 -12.87 4.87 -11.50
C GLN A 14 -13.14 6.34 -11.22
N VAL A 15 -12.21 6.99 -10.53
CA VAL A 15 -12.32 8.42 -10.29
C VAL A 15 -12.31 9.19 -11.63
N GLU A 16 -11.44 8.79 -12.54
CA GLU A 16 -11.38 9.43 -13.86
C GLU A 16 -12.70 9.24 -14.62
N GLU A 17 -13.35 8.10 -14.42
CA GLU A 17 -14.65 7.82 -15.05
C GLU A 17 -15.73 8.72 -14.45
N VAL A 18 -15.68 8.91 -13.14
CA VAL A 18 -16.60 9.81 -12.47
C VAL A 18 -16.47 11.23 -13.04
N LEU A 19 -15.24 11.68 -13.22
CA LEU A 19 -14.94 13.02 -13.73
C LEU A 19 -15.19 13.15 -15.24
N ASN A 20 -15.20 12.03 -15.96
CA ASN A 20 -15.54 12.03 -17.39
C ASN A 20 -16.41 10.83 -17.74
N PRO A 21 -17.74 10.99 -17.59
CA PRO A 21 -18.65 9.86 -17.80
C PRO A 21 -18.56 9.33 -19.23
N SER A 22 -17.96 10.12 -20.11
CA SER A 22 -17.76 9.74 -21.50
C SER A 22 -16.79 8.54 -21.63
N LEU A 23 -16.00 8.34 -20.59
CA LEU A 23 -15.00 7.27 -20.56
C LEU A 23 -15.61 5.91 -20.24
N LYS A 24 -16.76 5.90 -19.59
CA LYS A 24 -17.34 4.64 -19.14
C LYS A 24 -17.59 3.72 -20.33
N GLY A 25 -17.28 2.45 -20.16
CA GLY A 25 -17.42 1.48 -21.23
C GLY A 25 -16.17 1.36 -22.09
N LYS A 26 -15.27 2.35 -21.96
CA LYS A 26 -13.99 2.34 -22.66
C LYS A 26 -12.91 1.79 -21.76
N PRO A 27 -11.85 1.21 -22.35
CA PRO A 27 -10.68 0.83 -21.56
C PRO A 27 -9.98 2.07 -21.06
N VAL A 28 -9.75 2.14 -19.76
CA VAL A 28 -9.09 3.29 -19.19
C VAL A 28 -7.87 2.85 -18.40
N VAL A 29 -6.75 3.50 -18.68
CA VAL A 29 -5.48 3.12 -18.07
C VAL A 29 -4.90 4.39 -17.46
N VAL A 30 -4.70 4.38 -16.14
CA VAL A 30 -4.07 5.52 -15.46
C VAL A 30 -2.59 5.27 -15.30
N CYS A 31 -1.75 6.24 -15.64
CA CYS A 31 -0.33 5.99 -15.76
C CYS A 31 0.55 6.94 -14.96
N VAL A 32 1.69 6.43 -14.50
CA VAL A 32 2.73 7.25 -13.92
C VAL A 32 3.81 7.52 -14.97
N PHE A 33 3.72 8.69 -15.62
CA PHE A 33 4.72 9.10 -16.61
C PHE A 33 5.99 9.60 -15.93
N SER A 34 7.13 8.97 -16.24
CA SER A 34 8.39 9.31 -15.57
C SER A 34 9.14 10.48 -16.22
N GLY A 35 9.13 10.55 -17.54
CA GLY A 35 9.75 11.67 -18.23
C GLY A 35 11.27 11.66 -18.23
N ARG A 36 11.86 10.49 -18.04
CA ARG A 36 13.29 10.32 -18.28
C ARG A 36 13.49 10.20 -19.79
N PHE A 37 12.43 9.77 -20.47
CA PHE A 37 12.39 9.67 -21.92
C PHE A 37 10.93 9.48 -22.36
N GLU A 38 10.72 9.20 -23.63
CA GLU A 38 9.36 9.12 -24.18
C GLU A 38 8.52 7.95 -23.65
N ASP A 39 7.25 8.23 -23.36
CA ASP A 39 6.29 7.24 -22.83
C ASP A 39 6.87 6.32 -21.76
N SER A 40 7.89 6.78 -21.06
CA SER A 40 8.46 6.02 -19.97
C SER A 40 7.50 6.08 -18.79
N GLY A 41 7.61 5.11 -17.89
CA GLY A 41 6.72 5.03 -16.75
C GLY A 41 5.90 3.78 -16.76
N ALA A 42 4.99 3.67 -15.79
CA ALA A 42 4.23 2.45 -15.58
C ALA A 42 2.73 2.69 -15.39
N VAL A 43 1.97 1.61 -15.54
CA VAL A 43 0.53 1.63 -15.31
C VAL A 43 0.28 1.65 -13.81
N ALA A 44 -0.48 2.63 -13.34
CA ALA A 44 -0.87 2.69 -11.94
C ALA A 44 -2.08 1.79 -11.72
N THR A 45 -3.09 1.95 -12.56
CA THR A 45 -4.21 1.03 -12.57
C THR A 45 -4.98 1.09 -13.91
N ALA A 46 -5.78 0.07 -14.17
CA ALA A 46 -6.63 0.03 -15.34
C ALA A 46 -8.00 -0.39 -14.88
N ASN A 47 -9.04 0.07 -15.58
CA ASN A 47 -10.37 -0.41 -15.28
C ASN A 47 -10.53 -1.86 -15.75
N TYR A 48 -11.69 -2.45 -15.50
CA TYR A 48 -11.85 -3.88 -15.75
C TYR A 48 -11.95 -4.21 -17.23
N GLU A 49 -12.35 -3.22 -18.03
CA GLU A 49 -12.33 -3.39 -19.49
C GLU A 49 -10.90 -3.53 -20.02
N ALA A 50 -10.02 -2.64 -19.57
CA ALA A 50 -8.62 -2.70 -19.98
C ALA A 50 -7.93 -3.97 -19.50
N ARG A 51 -8.28 -4.44 -18.31
CA ARG A 51 -7.69 -5.67 -17.78
C ARG A 51 -8.13 -6.87 -18.61
N LYS A 52 -9.36 -6.82 -19.09
CA LYS A 52 -9.90 -7.85 -19.96
C LYS A 52 -8.99 -8.04 -21.18
N PHE A 53 -8.36 -6.96 -21.63
CA PHE A 53 -7.51 -7.01 -22.81
C PHE A 53 -6.01 -6.93 -22.49
N GLY A 54 -5.65 -7.36 -21.29
CA GLY A 54 -4.26 -7.61 -20.96
C GLY A 54 -3.49 -6.55 -20.22
N VAL A 55 -4.11 -5.42 -19.88
CA VAL A 55 -3.39 -4.36 -19.18
C VAL A 55 -3.64 -4.40 -17.69
N LYS A 56 -2.57 -4.45 -16.90
CA LYS A 56 -2.70 -4.41 -15.45
C LYS A 56 -1.64 -3.54 -14.76
N ALA A 57 -1.89 -3.23 -13.50
CA ALA A 57 -0.98 -2.42 -12.70
C ALA A 57 0.44 -2.95 -12.81
N GLY A 58 1.39 -2.05 -12.92
CA GLY A 58 2.79 -2.39 -12.84
C GLY A 58 3.51 -2.55 -14.17
N ILE A 59 2.77 -2.88 -15.22
CA ILE A 59 3.43 -3.04 -16.52
C ILE A 59 3.84 -1.69 -17.10
N PRO A 60 4.94 -1.67 -17.86
CA PRO A 60 5.40 -0.43 -18.49
C PRO A 60 4.34 0.11 -19.45
N ILE A 61 4.15 1.42 -19.49
CA ILE A 61 3.21 2.02 -20.42
C ILE A 61 3.56 1.56 -21.83
N VAL A 62 4.85 1.58 -22.13
CA VAL A 62 5.34 1.10 -23.42
C VAL A 62 4.68 -0.22 -23.78
N GLU A 63 4.78 -1.20 -22.88
CA GLU A 63 4.15 -2.49 -23.12
C GLU A 63 2.63 -2.44 -23.15
N ALA A 64 2.02 -1.61 -22.31
CA ALA A 64 0.57 -1.50 -22.27
C ALA A 64 0.03 -1.13 -23.65
N LYS A 65 0.63 -0.11 -24.26
CA LYS A 65 0.17 0.35 -25.56
C LYS A 65 0.36 -0.71 -26.65
N LYS A 66 1.54 -1.31 -26.68
CA LYS A 66 1.76 -2.45 -27.57
C LYS A 66 0.64 -3.45 -27.35
N ILE A 67 0.26 -3.61 -26.10
CA ILE A 67 -0.75 -4.59 -25.74
C ILE A 67 -2.16 -4.11 -26.10
N LEU A 68 -2.45 -2.86 -25.82
CA LEU A 68 -3.81 -2.32 -25.93
C LEU A 68 -3.69 -0.89 -26.42
N PRO A 69 -3.40 -0.71 -27.71
CA PRO A 69 -3.13 0.64 -28.23
C PRO A 69 -4.40 1.48 -28.13
N ASN A 70 -5.51 0.76 -28.24
CA ASN A 70 -6.87 1.23 -28.25
C ASN A 70 -7.40 1.89 -26.95
N ALA A 71 -6.69 1.74 -25.84
CA ALA A 71 -7.17 2.26 -24.56
C ALA A 71 -7.02 3.77 -24.43
N VAL A 72 -7.71 4.36 -23.45
CA VAL A 72 -7.50 5.76 -23.09
C VAL A 72 -6.45 5.83 -21.99
N TYR A 73 -5.32 6.43 -22.30
CA TYR A 73 -4.20 6.52 -21.35
C TYR A 73 -4.16 7.87 -20.66
N LEU A 74 -4.23 7.86 -19.34
CA LEU A 74 -4.35 9.10 -18.57
C LEU A 74 -3.22 9.23 -17.57
N PRO A 75 -2.74 10.46 -17.35
CA PRO A 75 -1.72 10.74 -16.36
C PRO A 75 -2.29 10.63 -14.95
N MET A 76 -1.53 10.10 -14.02
CA MET A 76 -2.02 9.99 -12.66
C MET A 76 -2.24 11.38 -12.08
N ARG A 77 -3.43 11.62 -11.53
CA ARG A 77 -3.72 12.86 -10.83
C ARG A 77 -3.96 12.60 -9.34
N LYS A 78 -2.90 12.21 -8.64
CA LYS A 78 -3.01 11.68 -7.29
C LYS A 78 -3.67 12.63 -6.30
N GLU A 79 -3.60 13.91 -6.60
CA GLU A 79 -4.12 14.95 -5.72
C GLU A 79 -5.64 14.90 -5.78
N VAL A 80 -6.15 14.65 -6.98
CA VAL A 80 -7.57 14.53 -7.21
C VAL A 80 -8.10 13.26 -6.54
N TYR A 81 -7.33 12.18 -6.62
CA TYR A 81 -7.74 10.90 -6.04
C TYR A 81 -7.76 10.99 -4.52
N GLN A 82 -6.74 11.64 -3.98
CA GLN A 82 -6.65 11.85 -2.54
C GLN A 82 -7.86 12.62 -1.97
N GLN A 83 -8.38 13.57 -2.73
CA GLN A 83 -9.55 14.33 -2.26
C GLN A 83 -10.79 13.47 -2.18
N VAL A 84 -11.01 12.66 -3.21
CA VAL A 84 -12.12 11.72 -3.21
C VAL A 84 -11.96 10.75 -2.04
N SER A 85 -10.75 10.23 -1.88
CA SER A 85 -10.43 9.28 -0.81
C SER A 85 -10.74 9.86 0.56
N SER A 86 -10.24 11.06 0.82
CA SER A 86 -10.46 11.71 2.11
C SER A 86 -11.94 11.89 2.41
N ARG A 87 -12.73 12.27 1.42
CA ARG A 87 -14.17 12.41 1.64
C ARG A 87 -14.84 11.07 1.94
N ILE A 88 -14.39 10.02 1.28
CA ILE A 88 -14.97 8.70 1.53
C ILE A 88 -14.60 8.22 2.93
N MET A 89 -13.34 8.39 3.30
CA MET A 89 -12.90 8.02 4.64
C MET A 89 -13.70 8.75 5.73
N ASN A 90 -14.02 10.01 5.48
CA ASN A 90 -14.88 10.73 6.43
C ASN A 90 -16.28 10.16 6.48
N LEU A 91 -16.77 9.65 5.36
CA LEU A 91 -18.06 8.96 5.36
C LEU A 91 -17.98 7.74 6.26
N LEU A 92 -16.90 6.97 6.14
CA LEU A 92 -16.75 5.75 6.91
C LEU A 92 -16.68 6.02 8.41
N ARG A 93 -16.05 7.14 8.79
CA ARG A 93 -15.91 7.46 10.21
C ARG A 93 -17.27 7.54 10.91
N GLU A 94 -18.33 7.74 10.13
CA GLU A 94 -19.68 7.86 10.67
C GLU A 94 -20.24 6.53 11.18
N TYR A 95 -19.63 5.44 10.74
CA TYR A 95 -20.15 4.12 11.03
C TYR A 95 -19.42 3.47 12.19
N SER A 96 -18.24 3.99 12.52
CA SER A 96 -17.55 3.54 13.71
C SER A 96 -16.40 4.47 14.06
N GLU A 97 -16.24 4.71 15.35
CA GLU A 97 -15.12 5.46 15.90
C GLU A 97 -13.82 4.71 15.68
N LYS A 98 -13.90 3.38 15.60
CA LYS A 98 -12.71 2.55 15.51
C LYS A 98 -12.41 2.26 14.05
N ILE A 99 -11.57 3.09 13.44
CA ILE A 99 -11.29 3.04 12.01
C ILE A 99 -9.79 2.98 11.76
N GLU A 100 -9.38 2.23 10.75
CA GLU A 100 -7.98 2.15 10.37
C GLU A 100 -7.86 2.38 8.88
N ILE A 101 -7.28 3.50 8.50
CA ILE A 101 -7.04 3.77 7.11
C ILE A 101 -5.76 3.04 6.73
N ALA A 102 -5.89 2.07 5.83
CA ALA A 102 -4.75 1.24 5.49
C ALA A 102 -4.03 1.84 4.27
N SER A 103 -4.78 2.53 3.42
CA SER A 103 -4.19 3.13 2.23
C SER A 103 -5.17 4.08 1.58
N ILE A 104 -4.78 4.65 0.44
CA ILE A 104 -5.63 5.62 -0.22
C ILE A 104 -7.00 5.04 -0.59
N ASP A 105 -7.08 3.71 -0.70
CA ASP A 105 -8.38 3.12 -1.07
C ASP A 105 -8.85 1.95 -0.22
N GLU A 106 -8.33 1.80 1.00
CA GLU A 106 -8.68 0.68 1.87
C GLU A 106 -8.84 1.18 3.29
N ALA A 107 -9.88 0.72 4.00
CA ALA A 107 -10.00 1.00 5.43
C ALA A 107 -10.75 -0.12 6.15
N TYR A 108 -10.37 -0.36 7.40
CA TYR A 108 -11.05 -1.32 8.27
C TYR A 108 -11.86 -0.56 9.33
N LEU A 109 -13.04 -1.05 9.64
CA LEU A 109 -13.85 -0.56 10.75
C LEU A 109 -14.09 -1.71 11.71
N ASP A 110 -13.92 -1.43 13.00
CA ASP A 110 -14.29 -2.36 14.02
C ASP A 110 -15.74 -2.07 14.37
N ILE A 111 -16.65 -2.92 13.90
CA ILE A 111 -18.07 -2.71 14.16
C ILE A 111 -18.61 -3.67 15.20
N SER A 112 -17.71 -4.22 16.02
CA SER A 112 -18.10 -5.16 17.06
C SER A 112 -19.23 -4.60 17.92
N ASP A 113 -19.19 -3.31 18.21
CA ASP A 113 -20.15 -2.73 19.15
C ASP A 113 -21.16 -1.89 18.39
N LYS A 114 -21.32 -2.21 17.11
CA LYS A 114 -22.22 -1.46 16.23
C LYS A 114 -23.32 -2.38 15.69
N VAL A 115 -23.03 -3.67 15.64
CA VAL A 115 -23.96 -4.64 15.12
C VAL A 115 -23.84 -5.89 15.95
N ARG A 116 -24.85 -6.76 15.92
CA ARG A 116 -24.79 -7.91 16.82
C ARG A 116 -24.26 -9.19 16.19
N ASP A 117 -24.31 -9.29 14.87
CA ASP A 117 -23.86 -10.50 14.19
C ASP A 117 -23.51 -10.19 12.73
N TYR A 118 -23.20 -11.21 11.94
CA TYR A 118 -22.78 -10.99 10.55
C TYR A 118 -23.94 -10.69 9.62
N ARG A 119 -25.15 -10.99 10.06
CA ARG A 119 -26.33 -10.59 9.29
C ARG A 119 -26.49 -9.09 9.32
N GLU A 120 -26.37 -8.51 10.50
CA GLU A 120 -26.44 -7.06 10.63
C GLU A 120 -25.21 -6.38 10.02
N ALA A 121 -24.06 -7.04 10.12
CA ALA A 121 -22.84 -6.54 9.48
C ALA A 121 -23.04 -6.46 7.95
N TYR A 122 -23.58 -7.53 7.36
CA TYR A 122 -23.83 -7.54 5.92
C TYR A 122 -24.73 -6.37 5.56
N ASN A 123 -25.76 -6.20 6.37
CA ASN A 123 -26.71 -5.12 6.16
C ASN A 123 -26.01 -3.76 6.23
N LEU A 124 -25.15 -3.58 7.22
CA LEU A 124 -24.37 -2.34 7.33
C LEU A 124 -23.47 -2.17 6.09
N GLY A 125 -22.85 -3.25 5.66
CA GLY A 125 -22.03 -3.21 4.46
C GLY A 125 -22.78 -2.69 3.24
N LEU A 126 -24.02 -3.14 3.06
CA LEU A 126 -24.85 -2.64 1.96
C LEU A 126 -25.13 -1.16 2.14
N GLU A 127 -25.41 -0.75 3.37
CA GLU A 127 -25.66 0.66 3.64
C GLU A 127 -24.45 1.51 3.28
N ILE A 128 -23.27 1.04 3.68
CA ILE A 128 -22.03 1.75 3.38
C ILE A 128 -21.81 1.84 1.86
N LYS A 129 -21.95 0.72 1.16
CA LYS A 129 -21.80 0.70 -0.30
C LYS A 129 -22.73 1.69 -0.99
N ASN A 130 -24.00 1.66 -0.60
CA ASN A 130 -25.02 2.55 -1.17
C ASN A 130 -24.70 4.01 -0.96
N LYS A 131 -24.25 4.34 0.26
CA LYS A 131 -23.94 5.70 0.63
C LYS A 131 -22.75 6.25 -0.16
N ILE A 132 -21.68 5.47 -0.24
CA ILE A 132 -20.53 5.88 -1.04
C ILE A 132 -20.90 6.06 -2.51
N LEU A 133 -21.67 5.14 -3.08
CA LEU A 133 -22.16 5.27 -4.44
C LEU A 133 -23.02 6.54 -4.61
N GLU A 134 -23.93 6.77 -3.68
CA GLU A 134 -24.78 7.96 -3.74
C GLU A 134 -24.00 9.27 -3.66
N LYS A 135 -23.05 9.34 -2.74
CA LYS A 135 -22.31 10.59 -2.51
C LYS A 135 -21.12 10.80 -3.44
N GLU A 136 -20.42 9.73 -3.80
CA GLU A 136 -19.21 9.89 -4.60
C GLU A 136 -19.27 9.16 -5.95
N LYS A 137 -20.34 8.39 -6.16
CA LYS A 137 -20.50 7.61 -7.38
C LYS A 137 -19.34 6.63 -7.60
N ILE A 138 -18.78 6.16 -6.49
CA ILE A 138 -17.69 5.19 -6.49
C ILE A 138 -18.20 3.85 -5.96
N THR A 139 -18.00 2.77 -6.73
CA THR A 139 -18.33 1.43 -6.22
C THR A 139 -17.16 0.91 -5.39
N VAL A 140 -17.49 0.14 -4.34
CA VAL A 140 -16.48 -0.43 -3.46
C VAL A 140 -16.79 -1.90 -3.16
N THR A 141 -15.82 -2.62 -2.65
CA THR A 141 -16.07 -3.98 -2.23
C THR A 141 -15.94 -4.05 -0.72
N VAL A 142 -16.89 -4.73 -0.09
CA VAL A 142 -16.88 -4.89 1.36
C VAL A 142 -16.56 -6.33 1.74
N GLY A 143 -15.64 -6.49 2.68
CA GLY A 143 -15.32 -7.80 3.23
C GLY A 143 -15.58 -7.77 4.72
N ILE A 144 -16.22 -8.81 5.24
CA ILE A 144 -16.57 -8.87 6.66
C ILE A 144 -16.14 -10.17 7.29
N SER A 145 -15.45 -10.11 8.42
CA SER A 145 -15.09 -11.32 9.13
C SER A 145 -14.72 -11.01 10.57
N LYS A 146 -14.10 -11.96 11.25
CA LYS A 146 -13.78 -11.83 12.68
C LYS A 146 -12.44 -11.13 12.93
N ASN A 147 -11.65 -10.93 11.89
CA ASN A 147 -10.43 -10.14 12.07
C ASN A 147 -10.05 -9.43 10.78
N LYS A 148 -9.03 -8.56 10.84
CA LYS A 148 -8.63 -7.80 9.67
C LYS A 148 -8.20 -8.65 8.46
N VAL A 149 -7.48 -9.72 8.72
CA VAL A 149 -6.91 -10.53 7.64
C VAL A 149 -8.03 -11.18 6.83
N PHE A 150 -9.00 -11.78 7.53
CA PHE A 150 -10.08 -12.46 6.81
C PHE A 150 -11.10 -11.50 6.21
N ALA A 151 -11.22 -10.31 6.79
CA ALA A 151 -12.06 -9.28 6.19
C ALA A 151 -11.47 -8.87 4.85
N LYS A 152 -10.15 -8.73 4.79
CA LYS A 152 -9.50 -8.39 3.52
C LYS A 152 -9.58 -9.54 2.52
N ILE A 153 -9.37 -10.77 2.99
CA ILE A 153 -9.48 -11.93 2.11
C ILE A 153 -10.89 -11.96 1.49
N ALA A 154 -11.91 -11.68 2.31
CA ALA A 154 -13.28 -11.63 1.84
C ALA A 154 -13.46 -10.61 0.71
N ALA A 155 -12.88 -9.43 0.88
CA ALA A 155 -12.95 -8.41 -0.15
C ALA A 155 -12.23 -8.89 -1.40
N ASP A 156 -11.07 -9.51 -1.22
CA ASP A 156 -10.29 -10.00 -2.36
C ASP A 156 -11.13 -10.96 -3.19
N MET A 157 -11.90 -11.80 -2.51
CA MET A 157 -12.74 -12.78 -3.17
C MET A 157 -13.95 -12.17 -3.88
N ALA A 158 -14.44 -11.04 -3.41
CA ALA A 158 -15.72 -10.50 -3.85
C ALA A 158 -15.60 -9.39 -4.89
N LYS A 159 -14.40 -8.85 -5.07
CA LYS A 159 -14.25 -7.66 -5.90
C LYS A 159 -14.42 -8.00 -7.38
N PRO A 160 -14.95 -7.05 -8.17
CA PRO A 160 -15.28 -5.69 -7.71
C PRO A 160 -16.76 -5.52 -7.44
N ASN A 161 -17.12 -4.38 -6.89
CA ASN A 161 -18.49 -4.07 -6.51
C ASN A 161 -19.17 -5.20 -5.77
N GLY A 162 -18.49 -5.77 -4.78
CA GLY A 162 -19.02 -6.95 -4.12
C GLY A 162 -19.21 -6.77 -2.64
N ILE A 163 -19.73 -7.81 -2.00
CA ILE A 163 -19.78 -7.87 -0.53
C ILE A 163 -19.72 -9.33 -0.15
N LYS A 164 -18.97 -9.64 0.90
CA LYS A 164 -18.80 -11.02 1.31
C LYS A 164 -18.51 -11.14 2.79
N VAL A 165 -19.17 -12.10 3.43
CA VAL A 165 -18.87 -12.46 4.81
C VAL A 165 -18.15 -13.81 4.84
N ILE A 166 -17.08 -13.88 5.61
CA ILE A 166 -16.42 -15.12 5.91
C ILE A 166 -16.73 -15.35 7.38
N ASP A 167 -17.66 -16.27 7.67
CA ASP A 167 -18.13 -16.44 9.04
C ASP A 167 -17.19 -17.34 9.81
N ASP A 168 -17.49 -17.60 11.07
CA ASP A 168 -16.53 -18.31 11.91
C ASP A 168 -16.20 -19.71 11.41
N GLU A 169 -17.21 -20.45 10.92
CA GLU A 169 -16.93 -21.77 10.36
C GLU A 169 -16.10 -21.70 9.08
N GLU A 170 -16.34 -20.68 8.26
CA GLU A 170 -15.56 -20.54 7.02
C GLU A 170 -14.10 -20.17 7.29
N VAL A 171 -13.86 -19.39 8.35
CA VAL A 171 -12.48 -19.13 8.78
C VAL A 171 -11.74 -20.43 9.06
N LYS A 172 -12.37 -21.33 9.81
CA LYS A 172 -11.81 -22.66 10.05
C LYS A 172 -11.59 -23.44 8.77
N ARG A 173 -12.56 -23.40 7.85
CA ARG A 173 -12.38 -24.13 6.61
C ARG A 173 -11.20 -23.58 5.81
N LEU A 174 -11.11 -22.26 5.70
CA LEU A 174 -10.03 -21.61 4.94
C LEU A 174 -8.63 -21.80 5.53
N ILE A 175 -8.54 -21.91 6.85
CA ILE A 175 -7.26 -22.20 7.49
C ILE A 175 -6.73 -23.53 6.94
N ARG A 176 -7.65 -24.43 6.62
N ARG A 176 -7.66 -24.43 6.62
CA ARG A 176 -7.31 -25.73 6.05
CA ARG A 176 -7.33 -25.73 6.04
C ARG A 176 -7.17 -25.70 4.53
C ARG A 176 -7.16 -25.67 4.53
N GLU A 177 -7.98 -24.87 3.87
CA GLU A 177 -8.16 -24.99 2.42
C GLU A 177 -7.65 -23.86 1.54
N LEU A 178 -7.52 -22.66 2.09
CA LEU A 178 -7.05 -21.53 1.31
C LEU A 178 -5.57 -21.66 0.97
N ASP A 179 -5.23 -21.46 -0.29
CA ASP A 179 -3.83 -21.34 -0.70
C ASP A 179 -3.19 -20.23 0.14
N ILE A 180 -2.11 -20.54 0.82
CA ILE A 180 -1.48 -19.55 1.71
C ILE A 180 -0.93 -18.36 0.92
N ALA A 181 -0.73 -18.56 -0.38
CA ALA A 181 -0.36 -17.45 -1.24
C ALA A 181 -1.45 -16.41 -1.27
N ASP A 182 -2.68 -16.75 -0.87
CA ASP A 182 -3.74 -15.76 -0.92
C ASP A 182 -3.88 -14.97 0.37
N VAL A 183 -3.01 -15.27 1.33
CA VAL A 183 -3.01 -14.55 2.60
C VAL A 183 -2.26 -13.22 2.43
N PRO A 184 -2.89 -12.11 2.85
CA PRO A 184 -2.21 -10.81 2.80
C PRO A 184 -0.85 -10.85 3.52
N GLY A 185 0.18 -10.30 2.88
CA GLY A 185 1.52 -10.37 3.44
C GLY A 185 2.36 -11.46 2.79
N ILE A 186 1.73 -12.28 1.98
CA ILE A 186 2.45 -13.37 1.34
C ILE A 186 2.48 -13.12 -0.15
N GLY A 187 3.62 -12.62 -0.66
CA GLY A 187 3.78 -12.44 -2.08
C GLY A 187 4.27 -13.71 -2.73
N ASN A 188 4.55 -13.67 -4.03
CA ASN A 188 5.00 -14.85 -4.76
C ASN A 188 6.33 -15.38 -4.22
N ILE A 189 7.24 -14.48 -3.88
CA ILE A 189 8.51 -14.91 -3.33
C ILE A 189 8.35 -15.66 -2.01
N THR A 190 7.52 -15.13 -1.11
CA THR A 190 7.28 -15.83 0.15
C THR A 190 6.51 -17.14 -0.03
N ALA A 191 5.52 -17.13 -0.93
CA ALA A 191 4.73 -18.34 -1.19
C ALA A 191 5.64 -19.50 -1.65
N GLU A 192 6.60 -19.16 -2.50
CA GLU A 192 7.53 -20.16 -3.02
C GLU A 192 8.44 -20.74 -1.92
N LYS A 193 8.96 -19.88 -1.03
CA LYS A 193 9.77 -20.35 0.09
C LYS A 193 8.98 -21.32 0.97
N LEU A 194 7.72 -20.99 1.20
CA LEU A 194 6.84 -21.82 2.03
C LEU A 194 6.56 -23.17 1.35
N LYS A 195 6.30 -23.12 0.05
CA LYS A 195 6.11 -24.33 -0.75
C LYS A 195 7.31 -25.28 -0.64
N LYS A 196 8.51 -24.72 -0.63
CA LYS A 196 9.72 -25.53 -0.43
C LYS A 196 9.80 -26.18 0.95
N LEU A 197 9.27 -25.50 1.97
CA LEU A 197 9.24 -26.05 3.32
C LEU A 197 8.11 -27.08 3.49
N GLY A 198 7.25 -27.20 2.48
CA GLY A 198 6.09 -28.07 2.57
C GLY A 198 4.85 -27.38 3.14
N ILE A 199 4.73 -26.08 2.92
CA ILE A 199 3.62 -25.31 3.46
C ILE A 199 2.81 -24.71 2.32
N ASN A 200 1.56 -25.16 2.19
CA ASN A 200 0.68 -24.70 1.12
C ASN A 200 -0.59 -24.06 1.64
N LYS A 201 -0.88 -24.28 2.92
CA LYS A 201 -2.11 -23.83 3.59
C LYS A 201 -1.70 -23.30 4.95
N LEU A 202 -2.49 -22.40 5.52
CA LEU A 202 -2.14 -21.84 6.83
C LEU A 202 -1.89 -22.93 7.85
N VAL A 203 -2.77 -23.93 7.88
CA VAL A 203 -2.64 -24.97 8.89
C VAL A 203 -1.27 -25.63 8.83
N ASP A 204 -0.67 -25.71 7.63
CA ASP A 204 0.63 -26.34 7.47
C ASP A 204 1.76 -25.62 8.20
N THR A 205 1.57 -24.34 8.54
CA THR A 205 2.65 -23.59 9.15
C THR A 205 3.04 -24.19 10.52
N LEU A 206 2.15 -24.99 11.07
CA LEU A 206 2.34 -25.59 12.40
C LEU A 206 3.09 -26.94 12.34
N SER A 207 3.37 -27.41 11.12
CA SER A 207 3.97 -28.73 10.94
C SER A 207 5.48 -28.69 11.02
N ILE A 208 6.02 -27.48 11.13
CA ILE A 208 7.44 -27.26 11.03
C ILE A 208 7.89 -26.63 12.35
N GLU A 209 9.16 -26.77 12.69
CA GLU A 209 9.60 -26.08 13.90
C GLU A 209 9.78 -24.59 13.61
N PHE A 210 9.34 -23.77 14.56
CA PHE A 210 9.40 -22.31 14.50
C PHE A 210 10.72 -21.77 13.97
N ASP A 211 11.83 -22.29 14.48
CA ASP A 211 13.15 -21.83 14.08
C ASP A 211 13.40 -22.07 12.60
N LYS A 212 12.81 -23.12 12.05
CA LYS A 212 12.96 -23.39 10.63
C LYS A 212 12.15 -22.37 9.83
N LEU A 213 10.95 -22.08 10.32
CA LEU A 213 10.05 -21.14 9.67
C LEU A 213 10.61 -19.72 9.76
N LYS A 214 10.93 -19.31 10.98
CA LYS A 214 11.54 -18.02 11.27
C LYS A 214 12.85 -17.84 10.52
N GLY A 215 13.58 -18.93 10.31
CA GLY A 215 14.81 -18.86 9.54
C GLY A 215 14.58 -18.67 8.05
N MET A 216 13.38 -19.01 7.60
CA MET A 216 13.07 -18.87 6.20
C MET A 216 12.41 -17.54 5.88
N ILE A 217 11.50 -17.09 6.75
CA ILE A 217 10.69 -15.92 6.43
C ILE A 217 10.79 -14.80 7.47
N GLY A 218 11.60 -15.02 8.50
CA GLY A 218 11.69 -14.07 9.59
C GLY A 218 10.64 -14.27 10.68
N GLU A 219 11.01 -13.84 11.88
CA GLU A 219 10.19 -14.04 13.06
C GLU A 219 8.84 -13.34 13.01
N ALA A 220 8.82 -12.13 12.45
CA ALA A 220 7.58 -11.37 12.37
C ALA A 220 6.55 -12.06 11.49
N LYS A 221 6.96 -12.48 10.30
CA LYS A 221 6.01 -13.11 9.41
C LYS A 221 5.61 -14.51 9.92
N ALA A 222 6.53 -15.17 10.61
CA ALA A 222 6.28 -16.50 11.15
C ALA A 222 5.23 -16.47 12.26
N LYS A 223 5.35 -15.53 13.19
CA LYS A 223 4.34 -15.37 14.24
C LYS A 223 3.00 -14.92 13.67
N TYR A 224 3.05 -14.11 12.62
CA TYR A 224 1.82 -13.68 11.95
C TYR A 224 1.04 -14.90 11.40
N LEU A 225 1.68 -15.70 10.56
CA LEU A 225 1.03 -16.87 9.98
C LEU A 225 0.59 -17.86 11.08
N ILE A 226 1.42 -18.07 12.10
CA ILE A 226 1.08 -19.01 13.17
C ILE A 226 -0.16 -18.54 13.94
N SER A 227 -0.21 -17.25 14.24
CA SER A 227 -1.38 -16.67 14.90
C SER A 227 -2.63 -16.90 14.06
N LEU A 228 -2.50 -16.71 12.75
CA LEU A 228 -3.64 -16.89 11.87
C LEU A 228 -4.11 -18.34 11.84
N ALA A 229 -3.15 -19.24 11.68
CA ALA A 229 -3.38 -20.68 11.67
C ALA A 229 -4.07 -21.20 12.94
N ARG A 230 -3.67 -20.66 14.09
CA ARG A 230 -4.28 -21.04 15.36
C ARG A 230 -5.57 -20.26 15.63
N ASP A 231 -5.96 -19.43 14.67
CA ASP A 231 -7.10 -18.51 14.82
C ASP A 231 -7.03 -17.73 16.12
N GLU A 232 -5.86 -17.19 16.38
CA GLU A 232 -5.65 -16.31 17.51
C GLU A 232 -5.41 -14.86 17.08
N TYR A 233 -5.19 -14.63 15.79
CA TYR A 233 -4.99 -13.26 15.30
C TYR A 233 -6.15 -12.37 15.73
N ASN A 234 -5.84 -11.24 16.37
CA ASN A 234 -6.88 -10.34 16.87
C ASN A 234 -6.43 -8.89 16.93
N GLU A 235 -5.62 -8.48 15.98
CA GLU A 235 -5.03 -7.16 16.00
C GLU A 235 -6.09 -6.06 15.95
N PRO A 236 -5.95 -5.07 16.84
CA PRO A 236 -6.96 -4.00 16.95
C PRO A 236 -7.05 -3.18 15.68
N ILE A 237 -8.22 -2.57 15.46
CA ILE A 237 -8.41 -1.68 14.34
C ILE A 237 -8.04 -0.28 14.82
N ARG A 238 -6.95 0.23 14.29
CA ARG A 238 -6.50 1.58 14.61
C ARG A 238 -5.37 1.97 13.69
N THR A 239 -5.30 3.25 13.35
CA THR A 239 -4.29 3.67 12.39
C THR A 239 -2.90 3.41 12.96
N ARG A 240 -2.05 2.84 12.12
CA ARG A 240 -0.71 2.44 12.52
C ARG A 240 0.13 3.68 12.85
N VAL A 241 0.96 3.58 13.86
CA VAL A 241 1.92 4.64 14.15
C VAL A 241 3.20 4.34 13.36
N ARG A 242 3.52 5.22 12.42
CA ARG A 242 4.69 5.02 11.60
C ARG A 242 5.96 5.14 12.42
N LYS A 243 6.90 4.25 12.13
CA LYS A 243 8.23 4.30 12.75
C LYS A 243 9.19 5.19 11.92
N SER A 244 8.84 5.45 10.67
CA SER A 244 9.67 6.33 9.85
C SER A 244 8.82 6.98 8.78
N ILE A 245 9.29 8.13 8.29
CA ILE A 245 8.54 8.90 7.33
C ILE A 245 9.58 9.60 6.47
N GLY A 246 9.40 9.54 5.17
CA GLY A 246 10.39 10.10 4.27
C GLY A 246 9.88 10.10 2.86
N ARG A 247 10.79 10.41 1.93
CA ARG A 247 10.48 10.59 0.53
C ARG A 247 11.78 10.39 -0.24
N ILE A 248 11.72 9.58 -1.28
CA ILE A 248 12.85 9.33 -2.17
C ILE A 248 12.37 9.49 -3.61
N VAL A 249 13.08 10.29 -4.39
CA VAL A 249 12.65 10.63 -5.75
C VAL A 249 13.66 10.25 -6.82
N THR A 250 13.13 9.91 -8.00
CA THR A 250 13.95 9.61 -9.15
C THR A 250 14.33 10.94 -9.81
N MET A 251 15.60 11.10 -10.13
CA MET A 251 16.05 12.33 -10.77
C MET A 251 15.92 12.23 -12.28
N LYS A 252 15.84 13.38 -12.95
CA LYS A 252 15.64 13.43 -14.39
C LYS A 252 16.80 12.78 -15.09
N ARG A 253 17.99 12.91 -14.52
CA ARG A 253 19.14 12.20 -15.03
C ARG A 253 20.12 11.83 -13.93
N ASN A 254 20.88 10.76 -14.18
CA ASN A 254 21.90 10.32 -13.25
C ASN A 254 22.97 11.40 -13.05
N SER A 255 23.51 11.51 -11.84
CA SER A 255 24.46 12.58 -11.56
C SER A 255 25.30 12.32 -10.31
N ARG A 256 26.47 12.94 -10.25
CA ARG A 256 27.26 12.99 -9.03
C ARG A 256 27.51 14.43 -8.67
N ASN A 257 26.81 15.33 -9.34
CA ASN A 257 26.97 16.77 -9.16
C ASN A 257 26.14 17.22 -7.97
N LEU A 258 26.82 17.64 -6.91
CA LEU A 258 26.16 17.96 -5.67
C LEU A 258 25.00 18.93 -5.88
N GLU A 259 25.17 19.95 -6.71
CA GLU A 259 24.10 20.94 -6.87
C GLU A 259 23.03 20.57 -7.91
N GLU A 260 23.29 19.53 -8.70
CA GLU A 260 22.24 18.98 -9.55
C GLU A 260 21.31 18.12 -8.68
N ILE A 261 21.87 17.52 -7.64
CA ILE A 261 21.13 16.57 -6.79
C ILE A 261 20.37 17.26 -5.66
N LYS A 262 20.98 18.30 -5.09
CA LYS A 262 20.43 19.03 -3.94
C LYS A 262 18.93 19.43 -4.03
N PRO A 263 18.50 19.93 -5.20
CA PRO A 263 17.09 20.38 -5.29
C PRO A 263 16.09 19.25 -5.07
N TYR A 264 16.42 18.05 -5.56
CA TYR A 264 15.57 16.88 -5.36
C TYR A 264 15.58 16.51 -3.90
N LEU A 265 16.78 16.52 -3.30
CA LEU A 265 16.93 16.16 -1.88
C LEU A 265 16.11 17.10 -1.00
N PHE A 266 16.23 18.39 -1.29
CA PHE A 266 15.56 19.42 -0.52
C PHE A 266 14.03 19.33 -0.66
N ARG A 267 13.53 19.10 -1.87
CA ARG A 267 12.09 18.88 -2.07
C ARG A 267 11.64 17.64 -1.27
N ALA A 268 12.48 16.60 -1.27
CA ALA A 268 12.19 15.39 -0.49
C ALA A 268 12.02 15.74 0.97
N ILE A 269 12.91 16.60 1.47
CA ILE A 269 12.84 17.01 2.85
C ILE A 269 11.55 17.79 3.12
N GLU A 270 11.16 18.63 2.17
CA GLU A 270 9.96 19.46 2.35
C GLU A 270 8.73 18.57 2.41
N GLU A 271 8.60 17.67 1.44
CA GLU A 271 7.50 16.73 1.43
C GLU A 271 7.49 15.85 2.69
N SER A 272 8.68 15.55 3.22
CA SER A 272 8.79 14.76 4.45
C SER A 272 8.29 15.52 5.67
N TYR A 273 8.65 16.80 5.79
CA TYR A 273 8.18 17.58 6.94
C TYR A 273 6.68 17.91 6.88
N TYR A 274 6.14 18.05 5.68
CA TYR A 274 4.68 18.14 5.57
C TYR A 274 4.04 16.87 6.12
N LYS A 275 4.48 15.70 5.64
CA LYS A 275 4.00 14.41 6.13
C LYS A 275 4.20 14.24 7.63
N LEU A 276 5.34 14.71 8.14
CA LEU A 276 5.69 14.57 9.55
C LEU A 276 4.72 15.32 10.48
N ASP A 277 4.18 16.42 9.97
CA ASP A 277 3.32 17.31 10.76
C ASP A 277 4.00 17.71 12.08
N LYS A 278 3.42 17.27 13.20
CA LYS A 278 3.95 17.66 14.50
C LYS A 278 4.95 16.68 15.08
N ARG A 279 5.23 15.60 14.36
CA ARG A 279 6.23 14.63 14.83
C ARG A 279 7.65 15.15 14.65
N ILE A 280 8.48 15.01 15.69
CA ILE A 280 9.86 15.49 15.67
C ILE A 280 10.83 14.33 15.65
N PRO A 281 11.60 14.17 14.56
CA PRO A 281 12.54 13.04 14.44
C PRO A 281 13.84 13.26 15.19
N LYS A 282 14.47 12.18 15.64
CA LYS A 282 15.82 12.27 16.20
C LYS A 282 16.85 11.69 15.25
N ALA A 283 16.38 11.00 14.21
CA ALA A 283 17.28 10.39 13.24
C ALA A 283 16.94 10.83 11.82
N ILE A 284 17.98 11.00 11.01
CA ILE A 284 17.83 11.28 9.59
C ILE A 284 18.74 10.36 8.80
N HIS A 285 18.20 9.80 7.71
CA HIS A 285 19.01 9.02 6.77
C HIS A 285 18.82 9.55 5.37
N VAL A 286 19.92 9.88 4.70
CA VAL A 286 19.88 10.22 3.29
C VAL A 286 20.08 8.92 2.53
N VAL A 287 19.17 8.63 1.62
CA VAL A 287 19.15 7.37 0.89
C VAL A 287 19.32 7.61 -0.59
N ALA A 288 20.30 6.94 -1.19
CA ALA A 288 20.53 7.08 -2.65
C ALA A 288 20.36 5.73 -3.33
N VAL A 289 19.70 5.74 -4.49
CA VAL A 289 19.76 4.60 -5.40
C VAL A 289 20.73 4.94 -6.53
N THR A 290 21.74 4.10 -6.73
CA THR A 290 22.80 4.34 -7.69
C THR A 290 22.34 3.98 -9.09
N GLU A 291 23.18 4.30 -10.09
CA GLU A 291 22.84 4.05 -11.48
C GLU A 291 22.51 2.59 -11.79
N ASP A 292 23.25 1.67 -11.16
CA ASP A 292 23.00 0.25 -11.35
C ASP A 292 22.04 -0.32 -10.29
N LEU A 293 21.36 0.57 -9.59
CA LEU A 293 20.19 0.20 -8.78
C LEU A 293 20.49 -0.45 -7.41
N ASP A 294 21.66 -0.17 -6.86
CA ASP A 294 21.92 -0.48 -5.47
C ASP A 294 21.47 0.69 -4.62
N ILE A 295 21.31 0.45 -3.33
CA ILE A 295 20.99 1.50 -2.38
C ILE A 295 22.19 1.81 -1.50
N VAL A 296 22.42 3.09 -1.26
CA VAL A 296 23.46 3.51 -0.35
C VAL A 296 22.80 4.49 0.61
N SER A 297 23.06 4.34 1.90
CA SER A 297 22.49 5.29 2.86
C SER A 297 23.53 5.71 3.87
N ARG A 298 23.41 6.96 4.30
CA ARG A 298 24.22 7.46 5.39
C ARG A 298 23.28 8.17 6.31
N GLY A 299 23.35 7.85 7.60
CA GLY A 299 22.45 8.45 8.55
C GLY A 299 23.15 9.08 9.75
N ARG A 300 22.38 9.80 10.55
CA ARG A 300 22.87 10.30 11.82
C ARG A 300 21.73 10.28 12.82
N THR A 301 22.02 9.81 14.02
CA THR A 301 21.07 9.89 15.13
C THR A 301 21.55 10.94 16.13
N PHE A 302 20.67 11.87 16.49
CA PHE A 302 20.99 12.91 17.46
C PHE A 302 20.29 12.62 18.77
N PRO A 303 20.82 13.18 19.88
CA PRO A 303 20.14 13.08 21.17
C PRO A 303 19.10 14.18 21.34
N HIS A 304 18.40 14.53 20.27
CA HIS A 304 17.42 15.61 20.32
C HIS A 304 16.69 15.71 19.01
N GLY A 305 15.68 16.57 18.95
CA GLY A 305 14.89 16.75 17.76
C GLY A 305 15.63 17.44 16.64
N ILE A 306 15.24 17.12 15.41
CA ILE A 306 15.83 17.73 14.21
C ILE A 306 14.79 18.65 13.59
N SER A 307 15.00 19.96 13.61
CA SER A 307 14.05 20.86 12.94
C SER A 307 14.35 20.84 11.45
N LYS A 308 13.47 21.44 10.64
CA LYS A 308 13.58 21.35 9.20
C LYS A 308 14.90 21.94 8.75
N GLU A 309 15.39 22.92 9.51
CA GLU A 309 16.61 23.64 9.15
C GLU A 309 17.83 22.74 9.33
N THR A 310 17.88 22.02 10.44
CA THR A 310 18.97 21.07 10.67
C THR A 310 18.89 19.88 9.71
N ALA A 311 17.69 19.50 9.33
CA ALA A 311 17.49 18.46 8.31
C ALA A 311 18.16 18.86 6.98
N TYR A 312 17.93 20.10 6.54
CA TYR A 312 18.58 20.62 5.32
C TYR A 312 20.11 20.50 5.40
N SER A 313 20.71 21.12 6.40
CA SER A 313 22.17 21.16 6.48
C SER A 313 22.83 19.79 6.72
N GLU A 314 22.22 18.98 7.59
CA GLU A 314 22.77 17.65 7.83
C GLU A 314 22.62 16.74 6.59
N SER A 315 21.55 16.93 5.83
CA SER A 315 21.34 16.07 4.66
C SER A 315 22.45 16.35 3.64
N VAL A 316 22.89 17.60 3.55
CA VAL A 316 24.01 17.94 2.67
C VAL A 316 25.26 17.18 3.04
N LYS A 317 25.61 17.20 4.32
CA LYS A 317 26.78 16.49 4.81
C LYS A 317 26.69 15.01 4.51
N LEU A 318 25.49 14.44 4.70
CA LEU A 318 25.30 13.00 4.47
C LEU A 318 25.43 12.65 2.98
N LEU A 319 24.85 13.48 2.11
CA LEU A 319 25.00 13.30 0.66
C LEU A 319 26.47 13.37 0.25
N GLN A 320 27.22 14.30 0.83
CA GLN A 320 28.64 14.42 0.51
C GLN A 320 29.38 13.16 0.87
N LYS A 321 28.99 12.57 1.99
CA LYS A 321 29.60 11.32 2.42
C LYS A 321 29.33 10.17 1.41
N ILE A 322 28.12 10.08 0.91
CA ILE A 322 27.78 9.07 -0.11
C ILE A 322 28.66 9.24 -1.35
N LEU A 323 28.72 10.46 -1.86
CA LEU A 323 29.48 10.80 -3.05
C LEU A 323 30.99 10.57 -2.87
N GLU A 324 31.47 10.80 -1.64
CA GLU A 324 32.88 10.56 -1.31
C GLU A 324 33.19 9.08 -1.26
N GLU A 325 32.24 8.30 -0.77
CA GLU A 325 32.52 6.91 -0.46
C GLU A 325 32.02 5.94 -1.50
N ASP A 326 31.28 6.45 -2.47
CA ASP A 326 30.81 5.63 -3.57
C ASP A 326 31.00 6.40 -4.87
N GLU A 327 31.68 5.80 -5.85
CA GLU A 327 32.02 6.53 -7.06
C GLU A 327 30.97 6.46 -8.18
N ARG A 328 29.88 5.75 -7.95
CA ARG A 328 28.82 5.63 -8.96
C ARG A 328 27.94 6.88 -9.04
N LYS A 329 27.24 7.02 -10.15
CA LYS A 329 26.27 8.09 -10.30
C LYS A 329 25.02 7.73 -9.50
N ILE A 330 24.33 8.74 -9.03
CA ILE A 330 23.09 8.53 -8.30
C ILE A 330 21.90 8.71 -9.24
N ARG A 331 20.90 7.84 -9.10
CA ARG A 331 19.70 7.88 -9.92
C ARG A 331 18.49 8.38 -9.12
N ARG A 332 18.39 7.95 -7.86
CA ARG A 332 17.31 8.39 -6.97
C ARG A 332 17.92 8.95 -5.69
N ILE A 333 17.29 9.95 -5.10
CA ILE A 333 17.82 10.55 -3.86
C ILE A 333 16.68 10.93 -2.93
N GLY A 334 16.84 10.74 -1.64
CA GLY A 334 15.80 11.19 -0.73
C GLY A 334 16.22 11.06 0.70
N VAL A 335 15.26 11.09 1.60
CA VAL A 335 15.52 11.06 3.04
C VAL A 335 14.45 10.24 3.77
N ARG A 336 14.85 9.64 4.89
CA ARG A 336 13.89 9.00 5.79
C ARG A 336 14.15 9.55 7.20
N PHE A 337 13.08 9.89 7.90
CA PHE A 337 13.18 10.35 9.29
C PHE A 337 12.55 9.32 10.24
N SER A 338 13.16 9.12 11.40
CA SER A 338 12.70 8.11 12.34
C SER A 338 13.00 8.52 13.79
N LYS A 339 12.74 7.63 14.74
CA LYS A 339 12.96 7.90 16.17
C LYS A 339 12.31 9.17 16.63
N PHE A 340 10.98 9.22 16.51
CA PHE A 340 10.22 10.40 16.84
C PHE A 340 10.16 10.59 18.34
N ILE A 341 10.06 11.85 18.75
CA ILE A 341 9.99 12.18 20.16
C ILE A 341 8.56 11.96 20.63
#